data_3GGE
#
_entry.id   3GGE
#
_cell.length_a   83.510
_cell.length_b   83.510
_cell.length_c   160.310
_cell.angle_alpha   90.00
_cell.angle_beta   90.00
_cell.angle_gamma   90.00
#
_symmetry.space_group_name_H-M   'P 41 2 2'
#
loop_
_entity.id
_entity.type
_entity.pdbx_description
1 polymer 'PDZ domain-containing protein GIPC2'
2 non-polymer 'SULFATE ION'
3 non-polymer GLYCEROL
4 water water
#
_entity_poly.entity_id   1
_entity_poly.type   'polypeptide(L)'
_entity_poly.pdbx_seq_one_letter_code
;SMKGIEKEVNVYKSEDSLGLTITDNGVGYAFIKRIKDGGVIDSVKTICVGDHIESINGENIVGWRHYDVAKKLKELKKEE
LFTMKLIEPKKSSEA
;
_entity_poly.pdbx_strand_id   A,B,C
#
# COMPACT_ATOMS: atom_id res chain seq x y z
N SER A 1 -10.52 16.88 -0.91
CA SER A 1 -9.57 16.47 -2.00
C SER A 1 -8.12 16.96 -1.72
N MET A 2 -7.43 16.41 -0.70
CA MET A 2 -7.79 15.18 0.06
C MET A 2 -8.73 15.40 1.25
N LYS A 3 -9.63 14.45 1.49
CA LYS A 3 -10.73 14.59 2.43
C LYS A 3 -10.37 14.02 3.81
N GLY A 4 -10.88 14.66 4.88
CA GLY A 4 -10.59 14.27 6.27
C GLY A 4 -10.39 15.45 7.20
N ILE A 5 -10.23 15.17 8.49
CA ILE A 5 -10.00 16.20 9.53
C ILE A 5 -8.68 16.99 9.34
N GLU A 6 -8.73 18.25 8.85
CA GLU A 6 -7.52 19.10 8.68
C GLU A 6 -7.09 19.68 10.04
N LYS A 7 -5.77 19.72 10.32
CA LYS A 7 -5.25 20.29 11.57
C LYS A 7 -4.15 21.24 11.27
N GLU A 8 -4.05 22.32 12.02
CA GLU A 8 -2.86 23.17 11.97
C GLU A 8 -2.02 23.10 13.26
N VAL A 9 -0.70 23.05 13.11
CA VAL A 9 0.19 22.90 14.23
C VAL A 9 1.37 23.85 14.14
N ASN A 10 1.77 24.39 15.29
CA ASN A 10 3.04 25.12 15.40
C ASN A 10 4.07 24.26 16.09
N VAL A 11 5.29 24.27 15.59
CA VAL A 11 6.32 23.46 16.18
C VAL A 11 7.58 24.28 16.30
N TYR A 12 8.24 24.19 17.46
CA TYR A 12 9.50 24.88 17.64
C TYR A 12 10.62 23.91 17.39
N LYS A 13 11.45 24.21 16.42
CA LYS A 13 12.59 23.37 16.09
C LYS A 13 13.76 23.63 17.04
N SER A 14 13.74 23.00 18.20
CA SER A 14 14.78 23.25 19.19
C SER A 14 16.09 22.51 18.89
N GLU A 15 16.00 21.35 18.25
CA GLU A 15 17.16 20.52 17.98
C GLU A 15 17.42 20.40 16.50
N ASP A 16 18.59 19.86 16.18
CA ASP A 16 18.95 19.56 14.80
C ASP A 16 17.95 18.61 14.18
N SER A 17 17.47 17.66 14.95
CA SER A 17 16.59 16.62 14.46
C SER A 17 15.20 16.77 15.08
N LEU A 18 14.15 16.59 14.28
CA LEU A 18 12.77 16.73 14.74
C LEU A 18 12.20 15.40 15.24
N GLY A 19 12.84 14.30 14.91
CA GLY A 19 12.38 13.01 15.41
C GLY A 19 11.17 12.46 14.66
N LEU A 20 11.21 12.49 13.33
CA LEU A 20 10.16 11.81 12.56
C LEU A 20 10.68 11.22 11.28
N THR A 21 9.93 10.23 10.76
CA THR A 21 10.26 9.56 9.51
C THR A 21 9.10 9.77 8.55
N ILE A 22 9.42 10.10 7.32
CA ILE A 22 8.42 10.48 6.33
C ILE A 22 8.49 9.56 5.14
N THR A 23 7.33 9.26 4.56
CA THR A 23 7.26 8.39 3.38
C THR A 23 6.15 8.91 2.51
N ASP A 24 5.88 8.27 1.36
CA ASP A 24 4.83 8.78 0.43
C ASP A 24 4.25 7.73 -0.49
N ASN A 25 3.36 8.17 -1.40
CA ASN A 25 2.60 7.27 -2.29
C ASN A 25 3.17 7.05 -3.70
N GLY A 26 4.33 7.64 -3.99
CA GLY A 26 4.94 7.56 -5.34
C GLY A 26 4.93 8.85 -6.15
N VAL A 27 4.13 9.83 -5.72
CA VAL A 27 4.06 11.18 -6.29
C VAL A 27 4.03 12.23 -5.16
N GLY A 28 3.11 12.09 -4.19
CA GLY A 28 2.95 13.08 -3.10
C GLY A 28 1.75 12.99 -2.16
N TYR A 29 1.66 13.99 -1.30
CA TYR A 29 1.07 13.89 0.06
C TYR A 29 1.85 12.81 0.79
N ALA A 30 3.08 13.16 1.14
CA ALA A 30 3.87 12.35 2.02
C ALA A 30 3.16 12.29 3.37
N PHE A 31 3.47 11.27 4.15
CA PHE A 31 2.89 11.13 5.45
C PHE A 31 3.90 10.62 6.44
N ILE A 32 3.51 10.62 7.70
CA ILE A 32 4.42 10.31 8.79
C ILE A 32 4.39 8.83 9.06
N LYS A 33 5.53 8.18 8.94
CA LYS A 33 5.61 6.74 9.13
C LYS A 33 5.99 6.39 10.56
N ARG A 34 6.86 7.20 11.15
CA ARG A 34 7.33 6.97 12.52
C ARG A 34 7.47 8.27 13.25
N ILE A 35 7.25 8.22 14.56
CA ILE A 35 7.57 9.34 15.44
C ILE A 35 8.49 8.79 16.54
N LYS A 36 9.66 9.41 16.67
CA LYS A 36 10.70 8.93 17.59
C LYS A 36 10.41 9.33 19.01
N ASP A 37 10.38 8.36 19.92
CA ASP A 37 10.16 8.63 21.35
C ASP A 37 11.14 9.67 21.89
N GLY A 38 10.59 10.69 22.55
CA GLY A 38 11.36 11.71 23.22
C GLY A 38 11.91 12.81 22.32
N GLY A 39 11.48 12.83 21.07
CA GLY A 39 11.87 13.88 20.13
C GLY A 39 10.84 15.00 20.14
N VAL A 40 11.12 16.05 19.36
CA VAL A 40 10.28 17.23 19.33
C VAL A 40 8.87 16.88 18.89
N ILE A 41 8.74 16.11 17.83
CA ILE A 41 7.40 15.81 17.30
C ILE A 41 6.60 14.99 18.29
N ASP A 42 7.25 14.05 18.96
CA ASP A 42 6.59 13.24 19.99
C ASP A 42 5.91 14.10 21.08
N SER A 43 6.51 15.24 21.44
CA SER A 43 5.93 16.10 22.46
C SER A 43 4.67 16.82 22.00
N VAL A 44 4.49 16.97 20.68
CA VAL A 44 3.29 17.65 20.16
C VAL A 44 2.23 16.62 19.83
N LYS A 45 1.31 16.36 20.75
CA LYS A 45 0.49 15.17 20.68
C LYS A 45 -0.68 15.22 19.70
N THR A 46 -0.90 16.36 19.05
CA THR A 46 -1.89 16.44 17.99
C THR A 46 -1.33 15.87 16.70
N ILE A 47 -0.03 15.62 16.61
CA ILE A 47 0.57 15.01 15.41
C ILE A 47 0.63 13.48 15.57
N CYS A 48 0.18 12.73 14.55
CA CYS A 48 0.14 11.23 14.64
C CYS A 48 0.72 10.49 13.46
N VAL A 49 1.20 9.28 13.74
CA VAL A 49 1.56 8.36 12.69
C VAL A 49 0.36 8.22 11.78
N GLY A 50 0.61 8.38 10.48
CA GLY A 50 -0.44 8.29 9.48
C GLY A 50 -0.89 9.64 8.95
N ASP A 51 -0.57 10.71 9.68
CA ASP A 51 -0.96 12.03 9.23
C ASP A 51 -0.23 12.42 7.93
N HIS A 52 -0.99 12.96 6.99
CA HIS A 52 -0.45 13.43 5.72
C HIS A 52 -0.11 14.91 5.86
N ILE A 53 1.04 15.34 5.32
CA ILE A 53 1.45 16.74 5.43
C ILE A 53 1.02 17.49 4.19
N GLU A 54 0.10 18.43 4.38
CA GLU A 54 -0.48 19.20 3.30
C GLU A 54 0.37 20.44 3.00
N SER A 55 0.98 21.05 4.03
CA SER A 55 1.81 22.24 3.82
C SER A 55 2.80 22.51 4.94
N ILE A 56 3.84 23.27 4.62
CA ILE A 56 4.85 23.71 5.59
C ILE A 56 5.05 25.22 5.44
N ASN A 57 4.86 25.95 6.55
CA ASN A 57 4.85 27.41 6.52
C ASN A 57 4.02 27.93 5.34
N GLY A 58 2.83 27.36 5.13
CA GLY A 58 1.93 27.87 4.10
C GLY A 58 2.26 27.49 2.68
N GLU A 59 3.37 26.80 2.48
CA GLU A 59 3.77 26.35 1.14
C GLU A 59 3.16 24.99 0.87
N ASN A 60 2.39 24.90 -0.18
CA ASN A 60 1.74 23.64 -0.52
C ASN A 60 2.77 22.59 -0.95
N ILE A 61 2.71 21.40 -0.35
CA ILE A 61 3.62 20.32 -0.75
C ILE A 61 2.90 19.08 -1.22
N VAL A 62 1.61 19.21 -1.51
CA VAL A 62 0.93 18.21 -2.28
C VAL A 62 1.83 17.97 -3.50
N GLY A 63 2.29 16.73 -3.65
CA GLY A 63 3.08 16.33 -4.81
C GLY A 63 4.61 16.48 -4.73
N TRP A 64 5.13 16.80 -3.55
CA TRP A 64 6.55 16.66 -3.32
C TRP A 64 6.82 15.22 -2.90
N ARG A 65 7.97 14.69 -3.28
CA ARG A 65 8.39 13.38 -2.79
C ARG A 65 8.92 13.50 -1.36
N HIS A 66 9.03 12.36 -0.68
CA HIS A 66 9.42 12.37 0.72
C HIS A 66 10.80 13.01 0.99
N TYR A 67 11.78 12.72 0.14
CA TYR A 67 13.11 13.28 0.34
C TYR A 67 13.10 14.80 0.22
N ASP A 68 12.25 15.34 -0.66
CA ASP A 68 12.19 16.80 -0.85
C ASP A 68 11.59 17.44 0.39
N VAL A 69 10.58 16.75 0.93
CA VAL A 69 9.91 17.21 2.13
C VAL A 69 10.87 17.17 3.32
N ALA A 70 11.63 16.07 3.46
CA ALA A 70 12.55 15.93 4.58
C ALA A 70 13.66 16.96 4.43
N LYS A 71 14.11 17.20 3.20
CA LYS A 71 15.14 18.20 2.98
C LYS A 71 14.63 19.53 3.49
N LYS A 72 13.38 19.81 3.19
CA LYS A 72 12.82 21.09 3.57
C LYS A 72 12.81 21.23 5.10
N LEU A 73 12.35 20.19 5.79
CA LEU A 73 12.29 20.18 7.22
C LEU A 73 13.71 20.31 7.84
N LYS A 74 14.70 19.63 7.28
CA LYS A 74 16.06 19.72 7.76
C LYS A 74 16.62 21.12 7.58
N GLU A 75 16.19 21.81 6.54
CA GLU A 75 16.73 23.14 6.22
C GLU A 75 16.14 24.26 7.06
N LEU A 76 15.00 24.02 7.70
CA LEU A 76 14.40 25.03 8.57
C LEU A 76 15.39 25.42 9.65
N LYS A 77 15.44 26.71 9.98
CA LYS A 77 16.41 27.17 10.98
C LYS A 77 16.13 26.65 12.39
N LYS A 78 17.20 26.28 13.06
CA LYS A 78 17.16 25.88 14.46
C LYS A 78 16.67 27.05 15.33
N GLU A 79 16.01 26.73 16.44
CA GLU A 79 15.48 27.74 17.38
C GLU A 79 14.48 28.69 16.71
N GLU A 80 13.62 28.17 15.85
CA GLU A 80 12.51 28.95 15.28
C GLU A 80 11.25 28.15 15.13
N LEU A 81 10.11 28.80 15.38
CA LEU A 81 8.78 28.22 15.10
C LEU A 81 8.59 28.02 13.60
N PHE A 82 7.96 26.91 13.23
CA PHE A 82 7.39 26.75 11.90
C PHE A 82 6.01 26.17 12.03
N THR A 83 5.22 26.25 10.98
CA THR A 83 3.83 25.76 11.02
C THR A 83 3.64 24.71 9.97
N MET A 84 2.63 23.88 10.16
CA MET A 84 2.27 22.87 9.17
C MET A 84 0.78 22.66 9.16
N LYS A 85 0.24 22.37 7.97
CA LYS A 85 -1.12 21.87 7.85
C LYS A 85 -1.02 20.36 7.57
N LEU A 86 -1.75 19.60 8.36
CA LEU A 86 -1.78 18.16 8.24
C LEU A 86 -3.20 17.73 8.06
N ILE A 87 -3.43 16.47 7.68
CA ILE A 87 -4.79 15.93 7.46
C ILE A 87 -4.79 14.51 7.93
N GLU A 88 -5.78 14.14 8.71
CA GLU A 88 -5.87 12.81 9.29
C GLU A 88 -6.95 12.07 8.50
N PRO A 89 -6.56 11.03 7.74
CA PRO A 89 -7.53 10.47 6.80
C PRO A 89 -8.66 9.69 7.46
N LYS A 90 -9.72 9.48 6.68
CA LYS A 90 -10.92 8.81 7.14
C LYS A 90 -10.74 7.32 7.01
N LYS A 91 -11.61 6.56 7.63
CA LYS A 91 -11.50 5.13 7.57
C LYS A 91 -12.04 4.57 6.24
N SER A 92 -12.93 5.29 5.58
CA SER A 92 -13.57 4.85 4.32
C SER A 92 -13.61 5.97 3.31
N SER A 93 -13.84 5.65 2.05
CA SER A 93 -13.95 6.65 1.01
C SER A 93 -15.08 6.30 0.05
N GLU A 94 -15.92 7.26 -0.29
CA GLU A 94 -16.98 7.00 -1.26
C GLU A 94 -16.54 7.28 -2.68
N ALA A 95 -16.96 6.44 -3.61
CA ALA A 95 -16.88 6.74 -5.02
C ALA A 95 -18.25 6.50 -5.63
N GLY B 4 4.77 0.56 -6.51
CA GLY B 4 6.19 1.01 -6.68
C GLY B 4 6.93 0.15 -7.69
N ILE B 5 8.26 0.13 -7.57
CA ILE B 5 9.09 -0.73 -8.43
C ILE B 5 8.70 -2.22 -8.21
N GLU B 6 8.13 -2.76 -9.27
CA GLU B 6 7.83 -4.18 -9.43
C GLU B 6 8.96 -4.93 -10.15
N LYS B 7 9.28 -6.14 -9.73
CA LYS B 7 10.31 -6.94 -10.36
C LYS B 7 9.76 -8.33 -10.65
N GLU B 8 10.15 -8.93 -11.76
CA GLU B 8 9.90 -10.32 -11.95
C GLU B 8 11.15 -11.17 -11.89
N VAL B 9 11.09 -12.32 -11.25
CA VAL B 9 12.26 -13.20 -11.12
C VAL B 9 11.94 -14.65 -11.40
N ASN B 10 12.86 -15.36 -12.03
CA ASN B 10 12.77 -16.79 -12.14
C ASN B 10 13.80 -17.43 -11.26
N VAL B 11 13.40 -18.50 -10.61
CA VAL B 11 14.27 -19.18 -9.69
C VAL B 11 14.14 -20.68 -9.94
N TYR B 12 15.26 -21.35 -9.91
CA TYR B 12 15.28 -22.80 -10.00
C TYR B 12 15.40 -23.41 -8.61
N LYS B 13 14.38 -24.17 -8.20
CA LYS B 13 14.38 -24.80 -6.88
C LYS B 13 15.21 -26.06 -6.97
N SER B 14 16.52 -25.92 -6.80
CA SER B 14 17.41 -27.07 -6.87
C SER B 14 17.41 -27.93 -5.60
N GLU B 15 17.16 -27.31 -4.45
CA GLU B 15 17.23 -27.98 -3.14
C GLU B 15 15.86 -28.03 -2.51
N ASP B 16 15.79 -28.80 -1.42
CA ASP B 16 14.59 -28.86 -0.61
C ASP B 16 14.27 -27.49 -0.05
N SER B 17 15.32 -26.77 0.34
CA SER B 17 15.17 -25.50 1.04
C SER B 17 15.68 -24.38 0.16
N LEU B 18 14.92 -23.29 0.09
CA LEU B 18 15.29 -22.15 -0.76
C LEU B 18 16.19 -21.16 -0.05
N GLY B 19 16.21 -21.20 1.29
CA GLY B 19 17.08 -20.35 2.08
C GLY B 19 16.54 -18.97 2.26
N LEU B 20 15.29 -18.83 2.66
CA LEU B 20 14.73 -17.51 3.03
C LEU B 20 13.71 -17.59 4.14
N THR B 21 13.49 -16.46 4.81
CA THR B 21 12.56 -16.34 5.91
C THR B 21 11.57 -15.26 5.55
N ILE B 22 10.30 -15.55 5.76
CA ILE B 22 9.20 -14.70 5.36
C ILE B 22 8.48 -14.21 6.60
N THR B 23 8.15 -12.94 6.61
CA THR B 23 7.41 -12.38 7.72
C THR B 23 6.31 -11.47 7.23
N ASP B 24 5.51 -10.99 8.16
CA ASP B 24 4.56 -9.91 7.93
C ASP B 24 4.33 -9.17 9.24
N ASN B 25 3.54 -8.10 9.19
CA ASN B 25 3.27 -7.26 10.34
C ASN B 25 1.94 -7.55 11.03
N GLY B 26 1.54 -8.81 11.03
CA GLY B 26 0.35 -9.24 11.72
C GLY B 26 -0.91 -9.32 10.89
N VAL B 27 -1.01 -8.57 9.79
CA VAL B 27 -2.26 -8.54 9.05
C VAL B 27 -2.15 -9.25 7.70
N GLY B 28 -1.07 -8.98 6.97
CA GLY B 28 -0.81 -9.72 5.74
C GLY B 28 0.29 -9.11 4.93
N TYR B 29 0.36 -9.52 3.66
CA TYR B 29 1.28 -8.97 2.64
C TYR B 29 2.70 -9.27 3.03
N ALA B 30 3.12 -10.50 2.78
CA ALA B 30 4.34 -11.01 3.36
C ALA B 30 5.56 -10.46 2.65
N PHE B 31 6.67 -10.35 3.37
CA PHE B 31 7.94 -9.95 2.80
C PHE B 31 9.11 -10.75 3.32
N ILE B 32 10.25 -10.57 2.70
CA ILE B 32 11.45 -11.34 3.00
C ILE B 32 12.18 -10.71 4.20
N LYS B 33 12.40 -11.50 5.23
CA LYS B 33 13.06 -11.01 6.42
C LYS B 33 14.55 -11.33 6.38
N ARG B 34 14.88 -12.52 5.89
CA ARG B 34 16.26 -12.98 5.84
C ARG B 34 16.48 -13.74 4.57
N ILE B 35 17.71 -13.65 4.06
CA ILE B 35 18.17 -14.48 2.96
C ILE B 35 19.43 -15.17 3.43
N LYS B 36 19.43 -16.51 3.38
CA LYS B 36 20.52 -17.32 3.91
C LYS B 36 21.72 -17.35 2.98
N ASP B 37 22.90 -17.00 3.51
CA ASP B 37 24.16 -17.06 2.74
C ASP B 37 24.38 -18.41 2.08
N GLY B 38 24.60 -18.37 0.78
CA GLY B 38 24.94 -19.57 0.02
C GLY B 38 23.76 -20.43 -0.38
N GLY B 39 22.54 -19.97 -0.14
CA GLY B 39 21.34 -20.70 -0.57
C GLY B 39 20.92 -20.29 -1.96
N VAL B 40 19.81 -20.89 -2.42
CA VAL B 40 19.30 -20.63 -3.76
C VAL B 40 18.88 -19.18 -3.98
N ILE B 41 18.18 -18.58 -3.02
CA ILE B 41 17.73 -17.21 -3.16
C ILE B 41 18.88 -16.25 -3.14
N ASP B 42 19.89 -16.53 -2.31
CA ASP B 42 21.11 -15.70 -2.25
C ASP B 42 21.82 -15.56 -3.59
N SER B 43 21.78 -16.59 -4.42
CA SER B 43 22.43 -16.52 -5.71
C SER B 43 21.65 -15.66 -6.73
N VAL B 44 20.37 -15.38 -6.46
CA VAL B 44 19.56 -14.54 -7.37
C VAL B 44 19.52 -13.12 -6.85
N LYS B 45 20.44 -12.28 -7.30
CA LYS B 45 20.72 -11.02 -6.62
C LYS B 45 19.65 -9.93 -6.79
N THR B 46 18.70 -10.14 -7.69
CA THR B 46 17.62 -9.17 -7.83
C THR B 46 16.61 -9.31 -6.68
N ILE B 47 16.69 -10.39 -5.91
CA ILE B 47 15.82 -10.56 -4.75
C ILE B 47 16.48 -9.99 -3.48
N CYS B 48 15.79 -9.14 -2.73
CA CYS B 48 16.36 -8.49 -1.54
C CYS B 48 15.53 -8.58 -0.28
N VAL B 49 16.23 -8.55 0.86
CA VAL B 49 15.59 -8.40 2.15
C VAL B 49 14.70 -7.18 2.05
N GLY B 50 13.45 -7.33 2.52
CA GLY B 50 12.46 -6.26 2.44
C GLY B 50 11.48 -6.38 1.29
N ASP B 51 11.83 -7.13 0.24
CA ASP B 51 10.93 -7.27 -0.89
C ASP B 51 9.64 -7.95 -0.45
N HIS B 52 8.51 -7.43 -0.90
CA HIS B 52 7.19 -8.02 -0.68
C HIS B 52 6.88 -8.98 -1.83
N ILE B 53 6.29 -10.15 -1.54
CA ILE B 53 5.93 -11.11 -2.58
C ILE B 53 4.48 -10.92 -3.03
N GLU B 54 4.33 -10.51 -4.28
CA GLU B 54 3.04 -10.23 -4.81
C GLU B 54 2.38 -11.51 -5.38
N SER B 55 3.18 -12.37 -6.00
CA SER B 55 2.64 -13.59 -6.57
C SER B 55 3.67 -14.69 -6.75
N ILE B 56 3.19 -15.93 -6.81
CA ILE B 56 4.02 -17.11 -7.09
C ILE B 56 3.38 -17.89 -8.25
N ASN B 57 4.15 -18.14 -9.29
CA ASN B 57 3.64 -18.74 -10.51
C ASN B 57 2.31 -18.11 -10.97
N GLY B 58 2.21 -16.79 -10.89
CA GLY B 58 1.00 -16.11 -11.33
C GLY B 58 -0.20 -16.13 -10.38
N GLU B 59 -0.05 -16.80 -9.24
CA GLU B 59 -1.10 -16.86 -8.23
C GLU B 59 -0.97 -15.72 -7.21
N ASN B 60 -1.98 -14.85 -7.15
CA ASN B 60 -1.89 -13.71 -6.29
C ASN B 60 -1.83 -14.10 -4.80
N ILE B 61 -0.87 -13.58 -4.06
CA ILE B 61 -0.82 -13.86 -2.64
C ILE B 61 -0.77 -12.62 -1.70
N VAL B 62 -0.89 -11.41 -2.23
CA VAL B 62 -1.09 -10.26 -1.37
C VAL B 62 -2.21 -10.55 -0.32
N GLY B 63 -2.00 -10.16 0.93
CA GLY B 63 -3.01 -10.51 1.95
C GLY B 63 -3.00 -11.96 2.43
N TRP B 64 -2.05 -12.75 1.98
CA TRP B 64 -1.78 -14.02 2.63
C TRP B 64 -0.87 -13.76 3.81
N ARG B 65 -1.00 -14.53 4.88
CA ARG B 65 -0.07 -14.45 6.00
C ARG B 65 1.21 -15.20 5.66
N HIS B 66 2.28 -14.92 6.40
CA HIS B 66 3.61 -15.46 6.11
C HIS B 66 3.67 -16.97 6.06
N TYR B 67 3.00 -17.66 6.97
CA TYR B 67 2.95 -19.12 6.95
C TYR B 67 2.29 -19.70 5.72
N ASP B 68 1.29 -19.03 5.17
CA ASP B 68 0.61 -19.53 3.98
C ASP B 68 1.51 -19.37 2.79
N VAL B 69 2.26 -18.28 2.78
CA VAL B 69 3.20 -18.00 1.73
C VAL B 69 4.35 -18.99 1.75
N ALA B 70 4.88 -19.28 2.91
CA ALA B 70 5.96 -20.25 3.04
C ALA B 70 5.46 -21.65 2.67
N LYS B 71 4.23 -21.97 3.03
CA LYS B 71 3.68 -23.27 2.65
C LYS B 71 3.69 -23.44 1.13
N LYS B 72 3.24 -22.42 0.40
CA LYS B 72 3.17 -22.50 -1.05
C LYS B 72 4.54 -22.72 -1.63
N LEU B 73 5.50 -21.96 -1.14
CA LEU B 73 6.89 -22.12 -1.56
C LEU B 73 7.47 -23.52 -1.29
N LYS B 74 7.13 -24.08 -0.13
CA LYS B 74 7.57 -25.42 0.20
C LYS B 74 6.94 -26.46 -0.73
N GLU B 75 5.72 -26.21 -1.18
CA GLU B 75 5.01 -27.17 -1.99
C GLU B 75 5.45 -27.20 -3.46
N LEU B 76 6.14 -26.16 -3.92
CA LEU B 76 6.68 -26.16 -5.27
C LEU B 76 7.60 -27.34 -5.53
N LYS B 77 7.51 -27.94 -6.71
CA LYS B 77 8.30 -29.12 -7.03
C LYS B 77 9.79 -28.85 -7.13
N LYS B 78 10.56 -29.78 -6.58
CA LYS B 78 12.02 -29.73 -6.62
C LYS B 78 12.47 -29.87 -8.08
N GLU B 79 13.61 -29.29 -8.39
CA GLU B 79 14.16 -29.34 -9.74
C GLU B 79 13.21 -28.73 -10.78
N GLU B 80 12.57 -27.61 -10.45
CA GLU B 80 11.76 -26.85 -11.42
C GLU B 80 11.87 -25.35 -11.22
N LEU B 81 11.85 -24.62 -12.33
CA LEU B 81 11.77 -23.17 -12.34
C LEU B 81 10.42 -22.71 -11.84
N PHE B 82 10.42 -21.67 -11.01
CA PHE B 82 9.20 -20.93 -10.72
C PHE B 82 9.46 -19.46 -10.87
N THR B 83 8.40 -18.67 -10.95
CA THR B 83 8.53 -17.22 -11.11
C THR B 83 7.89 -16.50 -9.93
N MET B 84 8.29 -15.25 -9.72
CA MET B 84 7.66 -14.41 -8.71
C MET B 84 7.69 -12.97 -9.17
N LYS B 85 6.68 -12.23 -8.74
CA LYS B 85 6.69 -10.80 -8.86
C LYS B 85 6.90 -10.27 -7.46
N LEU B 86 7.83 -9.32 -7.33
CA LEU B 86 8.18 -8.74 -6.06
C LEU B 86 7.96 -7.25 -6.16
N ILE B 87 7.54 -6.68 -5.03
CA ILE B 87 7.42 -5.24 -4.90
C ILE B 87 8.42 -4.74 -3.91
N GLU B 88 9.15 -3.72 -4.31
CA GLU B 88 10.17 -3.17 -3.45
C GLU B 88 9.55 -2.36 -2.33
N PRO B 89 10.19 -2.36 -1.15
CA PRO B 89 9.71 -1.55 -0.07
C PRO B 89 9.83 -0.06 -0.43
N LYS B 90 8.85 0.76 0.00
CA LYS B 90 8.86 2.21 -0.22
C LYS B 90 9.94 2.96 0.59
N LYS B 91 10.71 3.81 -0.10
CA LYS B 91 11.84 4.55 0.51
C LYS B 91 11.33 5.64 1.50
N SER B 92 12.03 5.79 2.63
CA SER B 92 11.62 6.73 3.67
C SER B 92 12.76 7.56 4.22
N SER B 93 12.77 8.85 3.91
CA SER B 93 13.79 9.77 4.40
C SER B 93 13.44 10.40 5.79
N GLU B 94 14.45 10.52 6.67
CA GLU B 94 14.30 11.12 8.03
C GLU B 94 14.53 12.63 8.11
N ALA B 95 13.95 13.23 9.15
CA ALA B 95 13.99 14.69 9.38
C ALA B 95 14.19 15.12 10.86
N SER C 1 -7.58 -19.49 -5.98
CA SER C 1 -6.88 -20.25 -4.91
C SER C 1 -7.87 -20.63 -3.82
N MET C 2 -7.41 -21.35 -2.79
CA MET C 2 -8.31 -21.68 -1.66
C MET C 2 -8.69 -20.44 -0.83
N LYS C 3 -8.01 -19.33 -1.03
CA LYS C 3 -8.21 -18.14 -0.18
C LYS C 3 -9.03 -17.11 -0.90
N GLY C 4 -8.95 -17.11 -2.22
CA GLY C 4 -9.77 -16.20 -3.00
C GLY C 4 -9.73 -16.46 -4.49
N ILE C 5 -10.78 -15.99 -5.17
CA ILE C 5 -10.95 -16.18 -6.60
C ILE C 5 -10.76 -14.85 -7.38
N GLU C 6 -9.93 -14.86 -8.42
CA GLU C 6 -9.75 -13.65 -9.26
C GLU C 6 -10.87 -13.51 -10.31
N LYS C 7 -11.42 -12.29 -10.43
CA LYS C 7 -12.52 -11.98 -11.38
C LYS C 7 -12.11 -10.76 -12.23
N GLU C 8 -12.53 -10.75 -13.47
CA GLU C 8 -12.50 -9.50 -14.19
C GLU C 8 -13.89 -8.92 -14.49
N VAL C 9 -14.02 -7.59 -14.41
CA VAL C 9 -15.29 -6.95 -14.64
C VAL C 9 -15.17 -5.72 -15.50
N ASN C 10 -16.12 -5.51 -16.41
CA ASN C 10 -16.22 -4.25 -17.15
C ASN C 10 -17.39 -3.47 -16.62
N VAL C 11 -17.19 -2.18 -16.40
CA VAL C 11 -18.23 -1.34 -15.85
C VAL C 11 -18.33 -0.05 -16.64
N TYR C 12 -19.54 0.36 -16.94
CA TYR C 12 -19.76 1.59 -17.68
C TYR C 12 -20.09 2.66 -16.67
N LYS C 13 -19.25 3.69 -16.59
CA LYS C 13 -19.47 4.81 -15.67
C LYS C 13 -20.50 5.78 -16.29
N SER C 14 -21.78 5.49 -16.10
CA SER C 14 -22.84 6.34 -16.67
C SER C 14 -23.06 7.63 -15.89
N GLU C 15 -22.83 7.57 -14.57
CA GLU C 15 -23.10 8.70 -13.65
C GLU C 15 -21.82 9.27 -13.05
N ASP C 16 -21.96 10.42 -12.39
CA ASP C 16 -20.86 10.99 -11.64
C ASP C 16 -20.37 10.04 -10.55
N SER C 17 -21.31 9.34 -9.92
CA SER C 17 -21.01 8.53 -8.76
C SER C 17 -21.28 7.07 -9.10
N LEU C 18 -20.37 6.19 -8.70
CA LEU C 18 -20.48 4.76 -9.00
C LEU C 18 -21.28 4.00 -7.94
N GLY C 19 -21.44 4.59 -6.78
CA GLY C 19 -22.22 3.97 -5.72
C GLY C 19 -21.48 2.88 -4.95
N LEU C 20 -20.26 3.16 -4.53
CA LEU C 20 -19.58 2.25 -3.61
C LEU C 20 -18.73 2.99 -2.61
N THR C 21 -18.39 2.28 -1.54
CA THR C 21 -17.50 2.76 -0.48
C THR C 21 -16.31 1.82 -0.37
N ILE C 22 -15.11 2.39 -0.24
CA ILE C 22 -13.86 1.63 -0.26
C ILE C 22 -13.11 1.81 1.07
N THR C 23 -12.51 0.71 1.57
CA THR C 23 -11.70 0.76 2.77
C THR C 23 -10.46 -0.15 2.67
N ASP C 24 -9.68 -0.29 3.74
CA ASP C 24 -8.56 -1.24 3.75
C ASP C 24 -8.06 -1.62 5.11
N ASN C 25 -7.19 -2.63 5.17
CA ASN C 25 -6.58 -3.12 6.39
C ASN C 25 -5.29 -2.44 6.75
N GLY C 26 -4.95 -1.37 6.05
CA GLY C 26 -3.64 -0.77 6.19
C GLY C 26 -2.55 -1.35 5.29
N VAL C 27 -2.77 -2.51 4.67
CA VAL C 27 -1.63 -3.14 4.04
C VAL C 27 -1.82 -3.73 2.66
N GLY C 28 -2.93 -4.38 2.41
CA GLY C 28 -2.91 -5.17 1.19
C GLY C 28 -3.34 -4.40 -0.04
N TYR C 29 -4.47 -4.84 -0.59
CA TYR C 29 -5.30 -4.08 -1.50
C TYR C 29 -6.48 -3.48 -0.73
N ALA C 30 -6.96 -2.34 -1.20
CA ALA C 30 -8.22 -1.79 -0.75
C ALA C 30 -9.34 -2.75 -1.15
N PHE C 31 -10.48 -2.68 -0.45
CA PHE C 31 -11.58 -3.54 -0.79
C PHE C 31 -12.92 -2.81 -0.60
N ILE C 32 -13.97 -3.43 -1.10
CA ILE C 32 -15.28 -2.80 -1.11
C ILE C 32 -15.97 -3.07 0.22
N LYS C 33 -16.35 -1.99 0.88
CA LYS C 33 -17.03 -2.06 2.15
C LYS C 33 -18.52 -2.01 1.99
N ARG C 34 -19.00 -1.20 1.05
CA ARG C 34 -20.45 -1.03 0.80
C ARG C 34 -20.74 -0.89 -0.69
N ILE C 35 -21.88 -1.40 -1.10
CA ILE C 35 -22.41 -1.16 -2.42
C ILE C 35 -23.77 -0.52 -2.27
N LYS C 36 -23.95 0.64 -2.88
CA LYS C 36 -25.18 1.41 -2.73
C LYS C 36 -26.29 0.84 -3.61
N ASP C 37 -27.45 0.58 -3.00
CA ASP C 37 -28.64 0.11 -3.73
C ASP C 37 -29.00 1.04 -4.88
N GLY C 38 -29.13 0.46 -6.07
CA GLY C 38 -29.59 1.19 -7.25
C GLY C 38 -28.52 2.01 -7.94
N GLY C 39 -27.27 1.83 -7.55
CA GLY C 39 -26.16 2.51 -8.20
C GLY C 39 -25.58 1.63 -9.29
N VAL C 40 -24.59 2.16 -9.98
CA VAL C 40 -23.96 1.46 -11.09
C VAL C 40 -23.34 0.14 -10.65
N ILE C 41 -22.58 0.15 -9.57
CA ILE C 41 -21.92 -1.06 -9.12
C ILE C 41 -22.93 -2.10 -8.70
N ASP C 42 -24.01 -1.71 -8.06
CA ASP C 42 -25.06 -2.66 -7.68
C ASP C 42 -25.63 -3.45 -8.86
N SER C 43 -25.69 -2.83 -10.05
CA SER C 43 -26.22 -3.51 -11.22
C SER C 43 -25.29 -4.58 -11.76
N VAL C 44 -24.00 -4.51 -11.44
CA VAL C 44 -23.03 -5.49 -11.93
C VAL C 44 -22.86 -6.56 -10.87
N LYS C 45 -23.56 -7.65 -11.01
CA LYS C 45 -23.70 -8.57 -9.89
C LYS C 45 -22.50 -9.49 -9.61
N THR C 46 -21.48 -9.46 -10.47
CA THR C 46 -20.27 -10.19 -10.19
C THR C 46 -19.38 -9.44 -9.21
N ILE C 47 -19.71 -8.17 -8.89
CA ILE C 47 -18.95 -7.38 -7.90
C ILE C 47 -19.61 -7.53 -6.52
N CYS C 48 -18.84 -7.85 -5.48
CA CYS C 48 -19.38 -8.04 -4.12
C CYS C 48 -18.68 -7.31 -3.03
N VAL C 49 -19.42 -7.01 -1.96
CA VAL C 49 -18.86 -6.56 -0.71
C VAL C 49 -17.77 -7.56 -0.31
N GLY C 50 -16.59 -7.04 0.01
CA GLY C 50 -15.47 -7.86 0.39
C GLY C 50 -14.45 -8.06 -0.68
N ASP C 51 -14.82 -7.79 -1.94
CA ASP C 51 -13.88 -7.91 -3.05
C ASP C 51 -12.71 -6.92 -2.96
N HIS C 52 -11.50 -7.42 -3.15
CA HIS C 52 -10.33 -6.60 -3.12
C HIS C 52 -10.05 -6.14 -4.54
N ILE C 53 -9.67 -4.88 -4.75
CA ILE C 53 -9.39 -4.35 -6.08
C ILE C 53 -7.89 -4.41 -6.41
N GLU C 54 -7.57 -5.25 -7.38
CA GLU C 54 -6.18 -5.52 -7.76
C GLU C 54 -5.65 -4.54 -8.80
N SER C 55 -6.55 -4.10 -9.68
CA SER C 55 -6.21 -3.12 -10.70
C SER C 55 -7.40 -2.36 -11.28
N ILE C 56 -7.11 -1.19 -11.84
CA ILE C 56 -8.06 -0.37 -12.58
C ILE C 56 -7.45 -0.03 -13.97
N ASN C 57 -8.19 -0.34 -15.03
CA ASN C 57 -7.70 -0.21 -16.42
C ASN C 57 -6.27 -0.72 -16.59
N GLY C 58 -5.97 -1.87 -16.00
CA GLY C 58 -4.65 -2.49 -16.14
C GLY C 58 -3.56 -1.89 -15.27
N GLU C 59 -3.86 -0.83 -14.54
CA GLU C 59 -2.87 -0.23 -13.64
C GLU C 59 -2.89 -0.95 -12.27
N ASN C 60 -1.75 -1.48 -11.87
CA ASN C 60 -1.67 -2.17 -10.57
C ASN C 60 -1.83 -1.23 -9.37
N ILE C 61 -2.82 -1.49 -8.51
CA ILE C 61 -3.01 -0.64 -7.33
C ILE C 61 -2.61 -1.27 -6.01
N VAL C 62 -1.58 -2.10 -6.08
CA VAL C 62 -1.10 -2.80 -4.92
C VAL C 62 -0.53 -1.76 -4.01
N GLY C 63 -1.03 -1.72 -2.77
CA GLY C 63 -0.43 -0.81 -1.82
C GLY C 63 -0.88 0.65 -1.93
N TRP C 64 -1.90 0.93 -2.74
CA TRP C 64 -2.54 2.23 -2.66
C TRP C 64 -3.52 2.21 -1.50
N ARG C 65 -3.67 3.33 -0.82
CA ARG C 65 -4.66 3.46 0.23
C ARG C 65 -6.03 3.71 -0.38
N HIS C 66 -7.08 3.50 0.42
CA HIS C 66 -8.43 3.58 -0.08
C HIS C 66 -8.80 4.92 -0.68
N TYR C 67 -8.35 6.01 -0.08
CA TYR C 67 -8.63 7.34 -0.63
C TYR C 67 -7.98 7.58 -2.00
N ASP C 68 -6.81 6.98 -2.22
CA ASP C 68 -6.13 7.15 -3.49
C ASP C 68 -6.90 6.39 -4.56
N VAL C 69 -7.41 5.23 -4.16
CA VAL C 69 -8.13 4.37 -5.06
C VAL C 69 -9.45 5.04 -5.41
N ALA C 70 -10.13 5.60 -4.41
CA ALA C 70 -11.39 6.28 -4.68
C ALA C 70 -11.16 7.50 -5.54
N LYS C 71 -10.06 8.21 -5.33
CA LYS C 71 -9.74 9.37 -6.15
C LYS C 71 -9.60 8.98 -7.61
N LYS C 72 -8.97 7.85 -7.85
CA LYS C 72 -8.76 7.36 -9.20
C LYS C 72 -10.09 7.04 -9.86
N LEU C 73 -10.96 6.36 -9.13
CA LEU C 73 -12.29 6.01 -9.61
C LEU C 73 -13.13 7.26 -9.93
N LYS C 74 -13.02 8.28 -9.10
CA LYS C 74 -13.72 9.54 -9.36
C LYS C 74 -13.22 10.24 -10.61
N GLU C 75 -11.94 10.09 -10.88
CA GLU C 75 -11.33 10.78 -12.01
C GLU C 75 -11.64 10.12 -13.35
N LEU C 76 -12.05 8.87 -13.36
CA LEU C 76 -12.40 8.20 -14.62
C LEU C 76 -13.47 8.96 -15.36
N LYS C 77 -13.34 9.07 -16.68
CA LYS C 77 -14.30 9.82 -17.47
C LYS C 77 -15.70 9.24 -17.44
N LYS C 78 -16.69 10.12 -17.32
CA LYS C 78 -18.10 9.77 -17.44
C LYS C 78 -18.42 9.27 -18.88
N GLU C 79 -19.41 8.38 -18.96
CA GLU C 79 -19.79 7.73 -20.22
C GLU C 79 -18.63 6.99 -20.89
N GLU C 80 -17.84 6.24 -20.11
CA GLU C 80 -16.81 5.33 -20.64
C GLU C 80 -16.68 4.05 -19.84
N LEU C 81 -16.43 2.95 -20.54
CA LEU C 81 -16.11 1.66 -19.94
C LEU C 81 -14.78 1.71 -19.22
N PHE C 82 -14.70 1.10 -18.05
CA PHE C 82 -13.42 0.79 -17.45
C PHE C 82 -13.40 -0.64 -16.96
N THR C 83 -12.23 -1.17 -16.71
CA THR C 83 -12.12 -2.55 -16.27
C THR C 83 -11.48 -2.59 -14.90
N MET C 84 -11.70 -3.69 -14.20
CA MET C 84 -11.02 -3.95 -12.94
C MET C 84 -10.78 -5.42 -12.77
N LYS C 85 -9.68 -5.75 -12.09
CA LYS C 85 -9.44 -7.10 -11.61
C LYS C 85 -9.69 -7.07 -10.14
N LEU C 86 -10.49 -8.02 -9.67
CA LEU C 86 -10.87 -8.11 -8.27
C LEU C 86 -10.47 -9.50 -7.79
N ILE C 87 -10.26 -9.61 -6.49
CA ILE C 87 -10.11 -10.89 -5.84
C ILE C 87 -11.25 -11.03 -4.86
N GLU C 88 -12.02 -12.09 -5.00
CA GLU C 88 -13.14 -12.34 -4.10
C GLU C 88 -12.77 -13.35 -3.03
N PRO C 89 -12.67 -12.92 -1.77
CA PRO C 89 -12.27 -13.94 -0.75
C PRO C 89 -13.27 -15.06 -0.68
N LYS C 90 -12.74 -16.26 -0.54
CA LYS C 90 -13.60 -17.42 -0.34
C LYS C 90 -14.09 -17.42 1.08
N LYS C 91 -15.39 -17.55 1.21
CA LYS C 91 -16.03 -17.63 2.50
C LYS C 91 -16.13 -19.05 3.04
N SER C 92 -15.87 -20.05 2.21
CA SER C 92 -16.04 -21.46 2.59
C SER C 92 -15.03 -22.33 1.90
N SER C 93 -14.84 -23.55 2.39
CA SER C 93 -13.85 -24.46 1.82
C SER C 93 -14.36 -25.89 1.86
N GLU C 94 -14.10 -26.66 0.80
CA GLU C 94 -14.53 -28.06 0.76
C GLU C 94 -13.42 -28.98 1.18
N ALA C 95 -13.78 -30.09 1.78
CA ALA C 95 -12.84 -31.13 2.03
C ALA C 95 -13.57 -32.46 1.92
#